data_4Q77
#
_entry.id   4Q77
#
_cell.length_a   31.747
_cell.length_b   71.505
_cell.length_c   65.680
_cell.angle_alpha   90.00
_cell.angle_beta   99.38
_cell.angle_gamma   90.00
#
_symmetry.space_group_name_H-M   'P 1 21 1'
#
loop_
_entity.id
_entity.type
_entity.pdbx_description
1 polymer 'HTH-type transcriptional regulator rot'
2 non-polymer GLYCEROL
3 water water
#
_entity_poly.entity_id   1
_entity_poly.type   'polypeptide(L)'
_entity_poly.pdbx_seq_one_letter_code
;HHHHHHMKKVNNDTVFGILQLETLLGDINSIFSEIESEYKMSREEILILLTLWQKGSMTLKEMDRFVEVKPYKRTRTYNN
LVELEWIYKERPVDDERTVIIHFNEKLQQEKVELLNFISDAIASRATAMQNSLNAIIAV
;
_entity_poly.pdbx_strand_id   A,B
#
loop_
_chem_comp.id
_chem_comp.type
_chem_comp.name
_chem_comp.formula
GOL non-polymer GLYCEROL 'C3 H8 O3'
#
# COMPACT_ATOMS: atom_id res chain seq x y z
N VAL A 10 -24.45 -0.68 -8.24
CA VAL A 10 -25.49 -0.07 -7.37
C VAL A 10 -25.02 -0.05 -5.91
N ASN A 11 -25.05 -1.20 -5.23
CA ASN A 11 -24.65 -1.25 -3.83
C ASN A 11 -24.36 -2.64 -3.22
N ASN A 12 -23.78 -2.59 -2.03
CA ASN A 12 -23.34 -3.74 -1.19
C ASN A 12 -23.68 -5.14 -1.70
N ASP A 13 -22.67 -5.97 -1.97
CA ASP A 13 -21.27 -5.92 -1.42
C ASP A 13 -20.24 -4.90 -1.94
N THR A 14 -20.71 -3.83 -2.56
CA THR A 14 -19.85 -2.78 -3.09
C THR A 14 -18.92 -2.14 -2.06
N VAL A 15 -19.46 -1.73 -0.93
CA VAL A 15 -18.65 -1.04 0.09
C VAL A 15 -17.60 -2.01 0.65
N PHE A 16 -18.01 -3.25 0.92
CA PHE A 16 -17.10 -4.26 1.41
C PHE A 16 -15.89 -4.42 0.50
N GLY A 17 -16.14 -4.54 -0.80
CA GLY A 17 -15.07 -4.71 -1.77
C GLY A 17 -14.11 -3.54 -1.80
N ILE A 18 -14.67 -2.32 -1.71
CA ILE A 18 -13.84 -1.12 -1.72
C ILE A 18 -12.94 -1.11 -0.50
N LEU A 19 -13.50 -1.46 0.65
CA LEU A 19 -12.71 -1.53 1.88
C LEU A 19 -11.55 -2.55 1.80
N GLN A 20 -11.70 -3.59 0.98
CA GLN A 20 -10.59 -4.55 0.78
C GLN A 20 -9.35 -3.94 0.09
N LEU A 21 -9.48 -2.76 -0.51
CA LEU A 21 -8.32 -2.03 -1.00
C LEU A 21 -7.38 -1.80 0.16
N GLU A 22 -7.92 -1.42 1.31
CA GLU A 22 -7.11 -1.12 2.46
C GLU A 22 -6.52 -2.41 3.03
N THR A 23 -7.29 -3.48 2.99
CA THR A 23 -6.81 -4.78 3.45
C THR A 23 -5.63 -5.26 2.63
N LEU A 24 -5.77 -5.19 1.30
CA LEU A 24 -4.70 -5.60 0.40
C LEU A 24 -3.44 -4.72 0.55
N LEU A 25 -3.63 -3.41 0.62
CA LEU A 25 -2.55 -2.49 0.93
C LEU A 25 -1.81 -2.92 2.21
N GLY A 26 -2.57 -3.23 3.26
CA GLY A 26 -1.98 -3.65 4.54
C GLY A 26 -1.16 -4.93 4.40
N ASP A 27 -1.69 -5.89 3.64
CA ASP A 27 -0.96 -7.15 3.37
C ASP A 27 0.41 -6.88 2.72
N ILE A 28 0.43 -6.01 1.72
CA ILE A 28 1.68 -5.65 1.04
C ILE A 28 2.67 -4.99 1.99
N ASN A 29 2.20 -4.01 2.75
CA ASN A 29 3.04 -3.37 3.75
C ASN A 29 3.53 -4.35 4.81
N SER A 30 2.69 -5.32 5.19
CA SER A 30 3.10 -6.32 6.18
C SER A 30 4.24 -7.17 5.66
N ILE A 31 4.16 -7.57 4.39
CA ILE A 31 5.24 -8.33 3.78
C ILE A 31 6.52 -7.54 3.84
N PHE A 32 6.47 -6.26 3.45
CA PHE A 32 7.68 -5.45 3.51
C PHE A 32 8.17 -5.31 4.95
N SER A 33 7.25 -5.10 5.89
CA SER A 33 7.64 -4.94 7.28
C SER A 33 8.34 -6.20 7.82
N GLU A 34 7.86 -7.37 7.42
CA GLU A 34 8.45 -8.65 7.82
C GLU A 34 9.89 -8.79 7.31
N ILE A 35 10.12 -8.41 6.06
CA ILE A 35 11.48 -8.42 5.49
C ILE A 35 12.39 -7.44 6.22
N GLU A 36 11.88 -6.22 6.44
CA GLU A 36 12.62 -5.15 7.09
C GLU A 36 13.12 -5.55 8.45
N SER A 37 12.24 -6.18 9.24
CA SER A 37 12.60 -6.59 10.59
C SER A 37 13.60 -7.73 10.61
N GLU A 38 13.45 -8.69 9.68
CA GLU A 38 14.35 -9.84 9.64
C GLU A 38 15.75 -9.46 9.15
N TYR A 39 15.83 -8.59 8.15
CA TYR A 39 17.11 -8.24 7.51
C TYR A 39 17.70 -6.90 7.93
N LYS A 40 17.00 -6.20 8.81
CA LYS A 40 17.45 -4.92 9.34
C LYS A 40 17.73 -3.94 8.22
N MET A 41 16.81 -3.89 7.25
CA MET A 41 16.87 -2.96 6.13
C MET A 41 15.60 -2.15 6.06
N SER A 42 15.70 -0.94 5.51
CA SER A 42 14.52 -0.13 5.21
C SER A 42 13.85 -0.63 3.94
N ARG A 43 12.64 -0.14 3.70
CA ARG A 43 11.91 -0.42 2.46
C ARG A 43 12.73 -0.05 1.22
N GLU A 44 13.31 1.15 1.24
CA GLU A 44 14.14 1.64 0.13
C GLU A 44 15.32 0.71 -0.17
N GLU A 45 15.98 0.26 0.88
CA GLU A 45 17.15 -0.60 0.74
C GLU A 45 16.78 -1.92 0.09
N ILE A 46 15.64 -2.48 0.49
CA ILE A 46 15.17 -3.72 -0.12
C ILE A 46 14.86 -3.51 -1.60
N LEU A 47 14.18 -2.43 -1.93
CA LEU A 47 13.85 -2.15 -3.33
C LEU A 47 15.11 -1.91 -4.17
N ILE A 48 16.09 -1.21 -3.61
CA ILE A 48 17.37 -0.98 -4.29
C ILE A 48 18.04 -2.31 -4.63
N LEU A 49 18.08 -3.20 -3.64
CA LEU A 49 18.76 -4.46 -3.80
C LEU A 49 18.08 -5.28 -4.90
N LEU A 50 16.76 -5.37 -4.85
CA LEU A 50 15.99 -6.09 -5.87
C LEU A 50 16.17 -5.48 -7.26
N THR A 51 16.18 -4.16 -7.33
CA THR A 51 16.35 -3.46 -8.59
C THR A 51 17.74 -3.74 -9.18
N LEU A 52 18.74 -3.80 -8.30
CA LEU A 52 20.12 -4.11 -8.66
C LEU A 52 20.21 -5.51 -9.28
N TRP A 53 19.58 -6.48 -8.64
CA TRP A 53 19.53 -7.83 -9.18
C TRP A 53 18.76 -7.90 -10.50
N GLN A 54 17.73 -7.07 -10.64
CA GLN A 54 16.97 -7.07 -11.88
C GLN A 54 17.73 -6.46 -13.06
N LYS A 55 18.39 -5.33 -12.81
CA LYS A 55 18.93 -4.51 -13.88
C LYS A 55 20.45 -4.50 -14.00
N GLY A 56 21.12 -4.95 -12.94
CA GLY A 56 22.56 -4.94 -12.89
C GLY A 56 23.13 -3.64 -12.36
N SER A 57 24.45 -3.59 -12.34
CA SER A 57 25.21 -2.44 -11.89
C SER A 57 24.74 -1.14 -12.55
N MET A 58 24.72 -0.06 -11.78
CA MET A 58 24.32 1.25 -12.30
C MET A 58 24.82 2.35 -11.35
N THR A 59 24.61 3.61 -11.72
CA THR A 59 25.01 4.73 -10.87
C THR A 59 23.94 5.00 -9.82
N LEU A 60 24.30 5.72 -8.75
CA LEU A 60 23.31 6.12 -7.74
C LEU A 60 22.19 6.95 -8.39
N LYS A 61 22.58 7.87 -9.27
CA LYS A 61 21.62 8.68 -10.02
C LYS A 61 20.63 7.83 -10.81
N GLU A 62 21.13 6.75 -11.42
CA GLU A 62 20.26 5.85 -12.18
C GLU A 62 19.33 5.09 -11.25
N MET A 63 19.86 4.62 -10.13
CA MET A 63 19.05 3.88 -9.16
C MET A 63 17.96 4.76 -8.56
N ASP A 64 18.29 6.03 -8.33
CA ASP A 64 17.34 6.97 -7.75
C ASP A 64 16.14 7.26 -8.67
N ARG A 65 16.25 6.91 -9.95
CA ARG A 65 15.09 6.99 -10.85
C ARG A 65 14.18 5.76 -10.74
N PHE A 66 14.74 4.62 -10.33
CA PHE A 66 13.95 3.41 -10.11
C PHE A 66 13.33 3.32 -8.73
N VAL A 67 14.04 3.79 -7.72
CA VAL A 67 13.54 3.72 -6.35
C VAL A 67 13.56 5.12 -5.74
N GLU A 68 12.44 5.51 -5.15
CA GLU A 68 12.34 6.78 -4.45
C GLU A 68 13.21 6.72 -3.20
N VAL A 69 14.31 7.46 -3.24
CA VAL A 69 15.16 7.61 -2.07
C VAL A 69 15.23 9.11 -1.76
N LYS A 70 14.53 9.52 -0.70
CA LYS A 70 14.50 10.95 -0.34
C LYS A 70 15.92 11.45 -0.11
N PRO A 71 16.26 12.66 -0.62
CA PRO A 71 17.63 13.12 -0.47
C PRO A 71 18.19 13.11 0.96
N TYR A 72 17.36 13.33 1.97
CA TYR A 72 17.86 13.36 3.36
C TYR A 72 18.33 12.01 3.92
N LYS A 73 17.89 10.91 3.30
CA LYS A 73 18.31 9.57 3.74
C LYS A 73 19.12 8.82 2.67
N ARG A 74 19.57 9.53 1.64
CA ARG A 74 20.29 8.94 0.52
C ARG A 74 21.63 8.33 0.98
N THR A 75 22.41 9.12 1.71
CA THR A 75 23.74 8.69 2.11
C THR A 75 23.69 7.52 3.10
N ARG A 76 22.77 7.55 4.06
CA ARG A 76 22.66 6.42 5.00
C ARG A 76 22.04 5.19 4.32
N THR A 77 21.17 5.38 3.34
CA THR A 77 20.56 4.27 2.61
C THR A 77 21.63 3.44 1.89
N TYR A 78 22.47 4.10 1.11
CA TYR A 78 23.54 3.43 0.38
C TYR A 78 24.68 2.96 1.28
N ASN A 79 25.03 3.76 2.29
CA ASN A 79 26.02 3.33 3.29
C ASN A 79 25.58 2.09 4.07
N ASN A 80 24.30 2.03 4.44
CA ASN A 80 23.77 0.84 5.13
C ASN A 80 23.92 -0.43 4.28
N LEU A 81 23.68 -0.31 2.97
CA LEU A 81 23.83 -1.44 2.08
C LEU A 81 25.29 -1.86 1.97
N VAL A 82 26.20 -0.89 2.04
CA VAL A 82 27.63 -1.17 2.03
C VAL A 82 28.05 -1.87 3.33
N GLU A 83 27.59 -1.35 4.47
CA GLU A 83 27.93 -1.91 5.79
C GLU A 83 27.37 -3.32 6.00
N LEU A 84 26.21 -3.62 5.41
CA LEU A 84 25.64 -4.96 5.43
C LEU A 84 26.33 -5.91 4.46
N GLU A 85 27.20 -5.34 3.62
CA GLU A 85 28.02 -6.06 2.63
C GLU A 85 27.23 -6.55 1.41
N TRP A 86 26.03 -6.01 1.21
CA TRP A 86 25.21 -6.41 0.05
C TRP A 86 25.77 -5.87 -1.25
N ILE A 87 26.37 -4.68 -1.16
CA ILE A 87 26.91 -3.99 -2.32
C ILE A 87 28.28 -3.40 -2.02
N TYR A 88 28.99 -3.01 -3.07
CA TYR A 88 30.17 -2.16 -2.90
C TYR A 88 30.12 -1.08 -3.96
N LYS A 89 30.89 -0.02 -3.73
CA LYS A 89 30.91 1.13 -4.64
C LYS A 89 32.18 1.13 -5.53
N GLU A 90 31.99 1.57 -6.77
CA GLU A 90 33.05 1.91 -7.70
C GLU A 90 32.94 3.41 -7.97
N ARG A 91 34.08 4.09 -7.97
CA ARG A 91 34.12 5.53 -8.25
C ARG A 91 34.92 5.74 -9.55
N PRO A 92 34.24 6.17 -10.63
CA PRO A 92 34.95 6.48 -11.88
C PRO A 92 35.95 7.62 -11.72
N THR A 98 30.02 10.90 -9.65
CA THR A 98 29.16 9.74 -9.86
C THR A 98 29.70 8.48 -9.17
N VAL A 99 28.80 7.69 -8.60
CA VAL A 99 29.14 6.47 -7.87
C VAL A 99 28.43 5.30 -8.53
N ILE A 100 29.16 4.22 -8.81
CA ILE A 100 28.57 3.03 -9.41
C ILE A 100 28.47 1.96 -8.34
N ILE A 101 27.31 1.31 -8.24
CA ILE A 101 27.13 0.25 -7.24
C ILE A 101 27.02 -1.12 -7.90
N HIS A 102 27.60 -2.11 -7.24
CA HIS A 102 27.62 -3.48 -7.69
C HIS A 102 27.14 -4.38 -6.57
N PHE A 103 26.47 -5.47 -6.93
CA PHE A 103 26.16 -6.52 -5.96
C PHE A 103 27.46 -7.20 -5.53
N ASN A 104 27.65 -7.37 -4.23
CA ASN A 104 28.75 -8.17 -3.72
C ASN A 104 28.46 -9.65 -3.90
N GLU A 105 29.14 -10.29 -4.85
CA GLU A 105 28.82 -11.66 -5.24
C GLU A 105 29.21 -12.70 -4.19
N LYS A 106 29.97 -12.30 -3.17
CA LYS A 106 30.23 -13.15 -2.02
C LYS A 106 28.95 -13.49 -1.27
N LEU A 107 27.93 -12.65 -1.42
CA LEU A 107 26.64 -12.88 -0.77
C LEU A 107 25.61 -13.54 -1.67
N GLN A 108 26.06 -14.26 -2.71
CA GLN A 108 25.14 -14.99 -3.58
C GLN A 108 24.19 -15.89 -2.79
N GLN A 109 24.73 -16.63 -1.82
CA GLN A 109 23.88 -17.53 -1.03
C GLN A 109 22.89 -16.75 -0.17
N GLU A 110 23.33 -15.62 0.38
CA GLU A 110 22.44 -14.73 1.12
C GLU A 110 21.34 -14.19 0.22
N LYS A 111 21.65 -13.86 -1.03
CA LYS A 111 20.64 -13.42 -1.99
C LYS A 111 19.56 -14.49 -2.15
N VAL A 112 19.98 -15.73 -2.34
CA VAL A 112 19.03 -16.83 -2.52
C VAL A 112 18.15 -16.98 -1.27
N GLU A 113 18.78 -16.89 -0.11
CA GLU A 113 18.07 -16.99 1.18
C GLU A 113 17.05 -15.86 1.36
N LEU A 114 17.44 -14.63 1.02
CA LEU A 114 16.50 -13.49 1.06
C LEU A 114 15.32 -13.69 0.14
N LEU A 115 15.57 -14.11 -1.09
CA LEU A 115 14.48 -14.34 -2.04
C LEU A 115 13.53 -15.44 -1.55
N ASN A 116 14.07 -16.51 -0.95
CA ASN A 116 13.25 -17.55 -0.36
C ASN A 116 12.43 -17.02 0.82
N PHE A 117 13.04 -16.18 1.66
CA PHE A 117 12.32 -15.59 2.78
C PHE A 117 11.14 -14.78 2.26
N ILE A 118 11.40 -13.95 1.26
CA ILE A 118 10.33 -13.16 0.66
C ILE A 118 9.27 -14.06 0.05
N SER A 119 9.68 -15.12 -0.65
CA SER A 119 8.75 -16.07 -1.24
C SER A 119 7.81 -16.67 -0.17
N ASP A 120 8.39 -17.04 0.97
CA ASP A 120 7.61 -17.56 2.08
C ASP A 120 6.62 -16.55 2.68
N ALA A 121 7.06 -15.29 2.79
CA ALA A 121 6.20 -14.25 3.36
C ALA A 121 5.01 -13.99 2.43
N ILE A 122 5.25 -14.00 1.13
CA ILE A 122 4.16 -13.91 0.15
C ILE A 122 3.22 -15.10 0.26
N ALA A 123 3.77 -16.31 0.23
CA ALA A 123 2.94 -17.53 0.24
C ALA A 123 2.04 -17.59 1.48
N SER A 124 2.54 -17.04 2.59
CA SER A 124 1.79 -17.01 3.83
C SER A 124 0.49 -16.22 3.69
N ARG A 125 0.48 -15.22 2.81
CA ARG A 125 -0.66 -14.33 2.67
C ARG A 125 -1.35 -14.46 1.32
N ALA A 126 -0.89 -15.38 0.46
CA ALA A 126 -1.34 -15.44 -0.94
C ALA A 126 -2.85 -15.64 -1.09
N THR A 127 -3.43 -16.57 -0.33
CA THR A 127 -4.86 -16.81 -0.41
C THR A 127 -5.68 -15.57 -0.03
N ALA A 128 -5.32 -14.95 1.09
CA ALA A 128 -6.01 -13.76 1.58
C ALA A 128 -5.89 -12.64 0.56
N MET A 129 -4.71 -12.49 -0.03
CA MET A 129 -4.49 -11.41 -0.99
C MET A 129 -5.36 -11.57 -2.24
N GLN A 130 -5.43 -12.79 -2.75
CA GLN A 130 -6.27 -13.04 -3.92
C GLN A 130 -7.75 -12.89 -3.57
N ASN A 131 -8.15 -13.31 -2.37
CA ASN A 131 -9.52 -13.11 -1.93
C ASN A 131 -9.84 -11.62 -1.84
N SER A 132 -8.90 -10.82 -1.33
CA SER A 132 -9.10 -9.37 -1.29
C SER A 132 -9.26 -8.79 -2.70
N LEU A 133 -8.36 -9.15 -3.61
CA LEU A 133 -8.43 -8.62 -4.96
C LEU A 133 -9.69 -9.07 -5.69
N ASN A 134 -10.15 -10.29 -5.43
CA ASN A 134 -11.41 -10.71 -6.04
C ASN A 134 -12.57 -9.80 -5.57
N ALA A 135 -12.56 -9.45 -4.29
CA ALA A 135 -13.62 -8.59 -3.74
C ALA A 135 -13.54 -7.17 -4.34
N ILE A 136 -12.31 -6.67 -4.47
CA ILE A 136 -12.03 -5.36 -5.05
C ILE A 136 -12.55 -5.30 -6.49
N ILE A 137 -12.17 -6.30 -7.28
CA ILE A 137 -12.47 -6.31 -8.70
C ILE A 137 -13.97 -6.49 -8.94
N ALA A 138 -14.66 -7.14 -8.00
CA ALA A 138 -16.09 -7.35 -8.10
C ALA A 138 -16.90 -6.09 -7.80
N VAL A 139 -16.26 -5.02 -7.32
CA VAL A 139 -16.93 -3.75 -7.08
C VAL A 139 -17.57 -3.20 -8.36
N VAL B 10 15.05 -19.61 -7.68
CA VAL B 10 15.18 -18.14 -7.89
C VAL B 10 15.73 -17.82 -9.28
N ASN B 11 15.07 -16.90 -10.00
CA ASN B 11 15.51 -16.46 -11.33
C ASN B 11 15.13 -14.98 -11.57
N ASN B 12 15.23 -14.51 -12.81
CA ASN B 12 14.80 -13.14 -13.15
C ASN B 12 13.34 -12.92 -12.78
N ASP B 13 12.51 -13.92 -13.03
CA ASP B 13 11.08 -13.83 -12.73
C ASP B 13 10.80 -13.74 -11.24
N THR B 14 11.67 -14.30 -10.40
CA THR B 14 11.49 -14.19 -8.95
C THR B 14 11.59 -12.74 -8.54
N VAL B 15 12.65 -12.08 -8.98
CA VAL B 15 12.90 -10.68 -8.61
C VAL B 15 11.81 -9.77 -9.21
N PHE B 16 11.45 -9.98 -10.46
CA PHE B 16 10.38 -9.20 -11.09
C PHE B 16 9.06 -9.33 -10.33
N GLY B 17 8.72 -10.57 -9.96
CA GLY B 17 7.51 -10.86 -9.20
C GLY B 17 7.43 -10.14 -7.86
N ILE B 18 8.53 -10.16 -7.13
CA ILE B 18 8.61 -9.46 -5.86
C ILE B 18 8.43 -7.96 -6.07
N LEU B 19 9.09 -7.41 -7.07
CA LEU B 19 8.97 -5.99 -7.38
C LEU B 19 7.54 -5.57 -7.71
N GLN B 20 6.73 -6.50 -8.21
CA GLN B 20 5.33 -6.21 -8.46
C GLN B 20 4.51 -5.91 -7.20
N LEU B 21 5.02 -6.23 -6.02
CA LEU B 21 4.39 -5.74 -4.79
C LEU B 21 4.28 -4.22 -4.81
N GLU B 22 5.34 -3.57 -5.25
CA GLU B 22 5.39 -2.12 -5.29
C GLU B 22 4.47 -1.59 -6.39
N THR B 23 4.40 -2.31 -7.50
CA THR B 23 3.48 -1.97 -8.58
C THR B 23 2.03 -1.98 -8.12
N LEU B 24 1.62 -3.09 -7.53
CA LEU B 24 0.27 -3.25 -6.99
C LEU B 24 -0.03 -2.19 -5.94
N LEU B 25 0.91 -1.96 -5.03
CA LEU B 25 0.79 -0.92 -4.03
C LEU B 25 0.52 0.46 -4.65
N GLY B 26 1.28 0.78 -5.70
CA GLY B 26 1.11 2.03 -6.42
C GLY B 26 -0.27 2.17 -7.03
N ASP B 27 -0.80 1.08 -7.58
CA ASP B 27 -2.13 1.12 -8.17
C ASP B 27 -3.20 1.40 -7.12
N ILE B 28 -3.06 0.77 -5.96
CA ILE B 28 -4.02 0.97 -4.88
C ILE B 28 -3.92 2.41 -4.37
N ASN B 29 -2.69 2.88 -4.17
CA ASN B 29 -2.51 4.25 -3.69
C ASN B 29 -3.01 5.29 -4.70
N SER B 30 -2.91 4.98 -5.99
CA SER B 30 -3.42 5.88 -7.03
C SER B 30 -4.94 5.98 -6.95
N ILE B 31 -5.61 4.85 -6.72
CA ILE B 31 -7.06 4.87 -6.51
C ILE B 31 -7.42 5.76 -5.34
N PHE B 32 -6.81 5.53 -4.18
CA PHE B 32 -7.10 6.34 -3.01
C PHE B 32 -6.79 7.81 -3.27
N SER B 33 -5.68 8.08 -3.94
CA SER B 33 -5.27 9.45 -4.20
C SER B 33 -6.31 10.16 -5.07
N GLU B 34 -6.85 9.47 -6.06
CA GLU B 34 -7.91 10.01 -6.91
C GLU B 34 -9.21 10.35 -6.14
N ILE B 35 -9.64 9.45 -5.25
CA ILE B 35 -10.85 9.67 -4.44
C ILE B 35 -10.63 10.85 -3.50
N GLU B 36 -9.44 10.89 -2.89
CA GLU B 36 -9.07 11.92 -1.92
C GLU B 36 -9.15 13.31 -2.53
N SER B 37 -8.60 13.46 -3.74
CA SER B 37 -8.61 14.75 -4.45
C SER B 37 -9.98 15.15 -4.98
N GLU B 38 -10.72 14.19 -5.52
CA GLU B 38 -12.02 14.48 -6.09
C GLU B 38 -13.01 14.93 -5.01
N TYR B 39 -12.93 14.31 -3.83
CA TYR B 39 -13.87 14.57 -2.76
C TYR B 39 -13.32 15.41 -1.63
N LYS B 40 -12.06 15.82 -1.74
CA LYS B 40 -11.43 16.71 -0.77
C LYS B 40 -11.52 16.08 0.62
N MET B 41 -11.18 14.79 0.68
CA MET B 41 -11.18 14.03 1.94
C MET B 41 -9.82 13.36 2.14
N SER B 42 -9.43 13.18 3.40
CA SER B 42 -8.25 12.42 3.76
C SER B 42 -8.54 10.93 3.62
N ARG B 43 -7.49 10.12 3.59
CA ARG B 43 -7.62 8.65 3.59
C ARG B 43 -8.51 8.21 4.75
N GLU B 44 -8.30 8.77 5.94
CA GLU B 44 -9.05 8.37 7.13
C GLU B 44 -10.54 8.68 6.99
N GLU B 45 -10.83 9.86 6.48
CA GLU B 45 -12.22 10.29 6.26
C GLU B 45 -12.95 9.36 5.30
N ILE B 46 -12.29 8.95 4.22
CA ILE B 46 -12.89 8.01 3.27
C ILE B 46 -13.14 6.67 3.93
N LEU B 47 -12.17 6.17 4.70
CA LEU B 47 -12.31 4.88 5.33
C LEU B 47 -13.41 4.92 6.39
N ILE B 48 -13.51 6.03 7.11
CA ILE B 48 -14.60 6.22 8.06
C ILE B 48 -15.95 6.16 7.39
N LEU B 49 -16.10 6.89 6.28
CA LEU B 49 -17.37 6.93 5.57
C LEU B 49 -17.76 5.56 5.03
N LEU B 50 -16.82 4.86 4.43
CA LEU B 50 -17.06 3.50 3.94
C LEU B 50 -17.45 2.56 5.09
N THR B 51 -16.74 2.67 6.21
CA THR B 51 -17.01 1.81 7.35
C THR B 51 -18.40 2.08 7.93
N LEU B 52 -18.79 3.35 7.95
CA LEU B 52 -20.11 3.76 8.41
C LEU B 52 -21.19 3.14 7.54
N TRP B 53 -21.00 3.18 6.22
CA TRP B 53 -21.92 2.54 5.31
C TRP B 53 -21.96 1.02 5.49
N GLN B 54 -20.82 0.42 5.75
CA GLN B 54 -20.76 -1.04 5.87
C GLN B 54 -21.42 -1.52 7.17
N LYS B 55 -21.11 -0.85 8.27
CA LYS B 55 -21.45 -1.36 9.60
C LYS B 55 -22.62 -0.65 10.25
N GLY B 56 -22.95 0.53 9.75
CA GLY B 56 -24.03 1.34 10.30
C GLY B 56 -23.53 2.27 11.37
N SER B 57 -24.47 3.02 11.93
CA SER B 57 -24.25 3.98 13.01
C SER B 57 -23.42 3.41 14.16
N MET B 58 -22.49 4.20 14.70
CA MET B 58 -21.71 3.78 15.85
C MET B 58 -21.07 4.99 16.54
N THR B 59 -20.47 4.74 17.70
CA THR B 59 -19.83 5.82 18.44
C THR B 59 -18.47 6.06 17.83
N LEU B 60 -17.89 7.22 18.15
CA LEU B 60 -16.54 7.53 17.70
C LEU B 60 -15.52 6.54 18.26
N LYS B 61 -15.69 6.14 19.51
CA LYS B 61 -14.79 5.15 20.13
C LYS B 61 -14.84 3.83 19.37
N GLU B 62 -16.05 3.44 18.96
CA GLU B 62 -16.22 2.21 18.16
C GLU B 62 -15.57 2.34 16.78
N MET B 63 -15.73 3.50 16.13
CA MET B 63 -15.11 3.72 14.81
C MET B 63 -13.58 3.68 14.90
N ASP B 64 -13.03 4.15 16.04
CA ASP B 64 -11.59 4.04 16.33
C ASP B 64 -11.05 2.61 16.21
N ARG B 65 -11.90 1.63 16.51
CA ARG B 65 -11.51 0.23 16.36
C ARG B 65 -11.31 -0.18 14.89
N PHE B 66 -11.97 0.51 13.97
CA PHE B 66 -11.91 0.15 12.55
C PHE B 66 -10.99 1.03 11.71
N VAL B 67 -10.82 2.29 12.11
CA VAL B 67 -9.99 3.22 11.36
C VAL B 67 -9.05 3.95 12.33
N GLU B 68 -7.75 3.92 12.03
CA GLU B 68 -6.76 4.66 12.80
C GLU B 68 -6.95 6.15 12.58
N VAL B 69 -7.33 6.87 13.62
CA VAL B 69 -7.33 8.35 13.56
C VAL B 69 -6.43 8.91 14.65
N LYS B 70 -5.32 9.52 14.24
CA LYS B 70 -4.36 10.09 15.19
C LYS B 70 -5.04 11.08 16.11
N PRO B 71 -4.75 11.00 17.42
CA PRO B 71 -5.42 11.87 18.38
C PRO B 71 -5.39 13.35 18.04
N TYR B 72 -4.28 13.84 17.47
CA TYR B 72 -4.15 15.28 17.19
C TYR B 72 -5.15 15.80 16.15
N LYS B 73 -5.71 14.91 15.34
CA LYS B 73 -6.67 15.34 14.30
C LYS B 73 -8.03 14.64 14.36
N ARG B 74 -8.32 14.00 15.48
CA ARG B 74 -9.57 13.28 15.67
C ARG B 74 -10.79 14.20 15.51
N THR B 75 -10.82 15.31 16.24
CA THR B 75 -12.01 16.17 16.21
C THR B 75 -12.17 16.86 14.84
N ARG B 76 -11.03 17.22 14.26
CA ARG B 76 -10.93 17.79 12.93
C ARG B 76 -11.49 16.84 11.85
N THR B 77 -11.10 15.58 11.95
CA THR B 77 -11.53 14.54 11.02
C THR B 77 -13.05 14.38 10.97
N TYR B 78 -13.68 14.26 12.14
CA TYR B 78 -15.13 14.14 12.19
C TYR B 78 -15.84 15.45 11.86
N ASN B 79 -15.29 16.57 12.31
CA ASN B 79 -15.85 17.89 11.93
C ASN B 79 -15.86 18.10 10.42
N ASN B 80 -14.80 17.63 9.76
CA ASN B 80 -14.70 17.73 8.29
C ASN B 80 -15.79 16.93 7.60
N LEU B 81 -16.06 15.71 8.08
CA LEU B 81 -17.16 14.90 7.55
C LEU B 81 -18.53 15.57 7.80
N VAL B 82 -18.67 16.24 8.94
CA VAL B 82 -19.89 16.99 9.24
C VAL B 82 -20.05 18.20 8.32
N GLU B 83 -18.98 18.98 8.15
CA GLU B 83 -19.02 20.17 7.29
C GLU B 83 -19.27 19.81 5.81
N LEU B 84 -18.80 18.64 5.39
CA LEU B 84 -19.09 18.16 4.04
C LEU B 84 -20.51 17.62 3.91
N GLU B 85 -21.19 17.49 5.05
CA GLU B 85 -22.59 17.03 5.15
C GLU B 85 -22.76 15.52 4.94
N TRP B 86 -21.66 14.76 4.94
CA TRP B 86 -21.73 13.31 4.81
C TRP B 86 -22.33 12.66 6.04
N ILE B 87 -22.05 13.22 7.21
CA ILE B 87 -22.52 12.63 8.46
C ILE B 87 -23.13 13.70 9.37
N TYR B 88 -23.88 13.26 10.37
CA TYR B 88 -24.24 14.12 11.49
C TYR B 88 -24.01 13.38 12.81
N LYS B 89 -23.94 14.15 13.89
CA LYS B 89 -23.76 13.60 15.22
C LYS B 89 -25.08 13.53 16.03
N GLU B 90 -25.20 12.45 16.78
CA GLU B 90 -26.20 12.29 17.85
C GLU B 90 -25.45 12.31 19.20
N ARG B 91 -26.04 12.97 20.18
CA ARG B 91 -25.48 13.08 21.52
C ARG B 91 -26.44 12.43 22.53
N PRO B 92 -26.07 11.27 23.11
CA PRO B 92 -27.02 10.64 24.03
C PRO B 92 -27.18 11.40 25.35
N THR B 98 -19.69 10.55 24.96
CA THR B 98 -19.94 9.66 23.84
C THR B 98 -20.68 10.38 22.71
N VAL B 99 -20.20 10.20 21.48
CA VAL B 99 -20.77 10.83 20.30
C VAL B 99 -21.06 9.72 19.29
N ILE B 100 -22.29 9.69 18.78
CA ILE B 100 -22.73 8.71 17.79
C ILE B 100 -22.81 9.41 16.44
N ILE B 101 -22.21 8.81 15.42
CA ILE B 101 -22.28 9.35 14.07
C ILE B 101 -23.22 8.55 13.18
N HIS B 102 -23.91 9.26 12.29
CA HIS B 102 -24.87 8.68 11.35
C HIS B 102 -24.58 9.22 9.97
N PHE B 103 -24.82 8.40 8.95
CA PHE B 103 -24.83 8.87 7.56
C PHE B 103 -26.01 9.82 7.37
N ASN B 104 -25.75 10.97 6.75
CA ASN B 104 -26.80 11.91 6.35
C ASN B 104 -27.50 11.38 5.10
N GLU B 105 -28.69 10.82 5.27
CA GLU B 105 -29.38 10.15 4.18
C GLU B 105 -29.79 11.09 3.05
N LYS B 106 -29.63 12.39 3.27
CA LYS B 106 -29.92 13.38 2.24
C LYS B 106 -28.86 13.39 1.16
N LEU B 107 -27.70 12.80 1.43
CA LEU B 107 -26.69 12.61 0.41
C LEU B 107 -26.68 11.20 -0.18
N GLN B 108 -27.85 10.55 -0.22
CA GLN B 108 -27.93 9.19 -0.77
C GLN B 108 -27.43 9.13 -2.22
N GLN B 109 -27.87 10.06 -3.06
CA GLN B 109 -27.41 10.10 -4.47
C GLN B 109 -25.90 10.37 -4.58
N GLU B 110 -25.40 11.26 -3.73
CA GLU B 110 -23.98 11.56 -3.65
C GLU B 110 -23.18 10.32 -3.22
N LYS B 111 -23.74 9.50 -2.33
CA LYS B 111 -23.11 8.22 -1.95
C LYS B 111 -22.99 7.32 -3.16
N VAL B 112 -24.08 7.21 -3.92
CA VAL B 112 -24.11 6.37 -5.11
C VAL B 112 -23.09 6.87 -6.13
N GLU B 113 -23.04 8.19 -6.33
CA GLU B 113 -22.05 8.76 -7.26
C GLU B 113 -20.61 8.48 -6.82
N LEU B 114 -20.33 8.64 -5.53
CA LEU B 114 -18.98 8.37 -5.02
C LEU B 114 -18.60 6.89 -5.22
N LEU B 115 -19.53 5.98 -4.92
CA LEU B 115 -19.26 4.56 -5.09
C LEU B 115 -19.01 4.21 -6.55
N ASN B 116 -19.77 4.82 -7.45
CA ASN B 116 -19.54 4.64 -8.87
C ASN B 116 -18.18 5.20 -9.34
N PHE B 117 -17.76 6.34 -8.78
CA PHE B 117 -16.44 6.91 -9.07
C PHE B 117 -15.35 5.91 -8.67
N ILE B 118 -15.48 5.32 -7.50
CA ILE B 118 -14.49 4.33 -7.05
C ILE B 118 -14.55 3.07 -7.90
N SER B 119 -15.76 2.59 -8.21
CA SER B 119 -15.92 1.44 -9.07
C SER B 119 -15.24 1.62 -10.44
N ASP B 120 -15.37 2.82 -11.02
CA ASP B 120 -14.73 3.11 -12.29
C ASP B 120 -13.20 3.14 -12.16
N ALA B 121 -12.70 3.71 -11.07
CA ALA B 121 -11.26 3.80 -10.83
C ALA B 121 -10.67 2.39 -10.69
N ILE B 122 -11.38 1.53 -9.97
CA ILE B 122 -10.99 0.14 -9.83
C ILE B 122 -11.01 -0.58 -11.17
N ALA B 123 -12.14 -0.49 -11.88
CA ALA B 123 -12.31 -1.20 -13.14
C ALA B 123 -11.20 -0.83 -14.14
N SER B 124 -10.74 0.41 -14.10
CA SER B 124 -9.72 0.89 -15.02
C SER B 124 -8.36 0.23 -14.78
N ARG B 125 -8.16 -0.31 -13.58
CA ARG B 125 -6.89 -0.95 -13.22
C ARG B 125 -7.00 -2.44 -12.91
N ALA B 126 -8.19 -3.01 -13.05
CA ALA B 126 -8.44 -4.39 -12.65
C ALA B 126 -7.47 -5.37 -13.29
N THR B 127 -7.31 -5.26 -14.60
CA THR B 127 -6.46 -6.19 -15.32
C THR B 127 -5.00 -6.08 -14.87
N ALA B 128 -4.51 -4.85 -14.79
CA ALA B 128 -3.15 -4.60 -14.32
C ALA B 128 -2.93 -5.12 -12.89
N MET B 129 -3.91 -4.91 -12.01
CA MET B 129 -3.76 -5.36 -10.61
C MET B 129 -3.71 -6.87 -10.52
N GLN B 130 -4.57 -7.55 -11.28
CA GLN B 130 -4.54 -9.02 -11.30
C GLN B 130 -3.25 -9.53 -11.92
N ASN B 131 -2.75 -8.87 -12.94
CA ASN B 131 -1.46 -9.24 -13.54
C ASN B 131 -0.31 -9.13 -12.52
N SER B 132 -0.30 -8.05 -11.76
CA SER B 132 0.73 -7.85 -10.74
C SER B 132 0.61 -8.94 -9.70
N LEU B 133 -0.60 -9.19 -9.21
CA LEU B 133 -0.79 -10.21 -8.18
C LEU B 133 -0.44 -11.61 -8.66
N ASN B 134 -0.74 -11.94 -9.92
CA ASN B 134 -0.29 -13.23 -10.47
C ASN B 134 1.22 -13.38 -10.35
N ALA B 135 1.95 -12.32 -10.68
CA ALA B 135 3.40 -12.32 -10.61
C ALA B 135 3.89 -12.46 -9.16
N ILE B 136 3.27 -11.71 -8.27
CA ILE B 136 3.59 -11.77 -6.84
C ILE B 136 3.42 -13.18 -6.28
N ILE B 137 2.28 -13.79 -6.57
CA ILE B 137 1.93 -15.07 -5.98
C ILE B 137 2.76 -16.20 -6.57
N ALA B 138 3.27 -16.01 -7.78
CA ALA B 138 4.12 -16.99 -8.44
C ALA B 138 5.59 -16.99 -7.95
N VAL B 139 5.95 -16.02 -7.10
CA VAL B 139 7.31 -15.93 -6.56
C VAL B 139 7.70 -17.19 -5.76
C1 GOL C . -2.36 13.77 -5.27
O1 GOL C . -2.54 14.39 -4.00
C2 GOL C . -3.53 14.09 -6.21
O2 GOL C . -4.64 13.21 -5.87
C3 GOL C . -3.81 15.60 -6.09
O3 GOL C . -4.43 16.18 -7.25
#